data_7UNP
#
_entry.id   7UNP
#
_cell.length_a   53.751
_cell.length_b   91.076
_cell.length_c   66.909
_cell.angle_alpha   90.000
_cell.angle_beta   110.990
_cell.angle_gamma   90.000
#
_symmetry.space_group_name_H-M   'P 1 21 1'
#
loop_
_entity.id
_entity.type
_entity.pdbx_description
1 polymer Glucanase
2 non-polymer 'CALCIUM ION'
3 water water
#
_entity_poly.entity_id   1
_entity_poly.type   'polypeptide(L)'
_entity_poly.pdbx_seq_one_letter_code
;MDYNYGEALQKAIMFYEFQMSGKLPDNIRNNWRGDSCLGDGSDVGLDLTGGWFDAGDHVKFNLPMAYTATMLAWAVYEYK
DALQKSGQLGYLMDQIKWASDYFIRCHPEKYVYYYQVGNGDMDHRWWVPAECIDVQAPRPSYKVDLSNPGSTVTAGTAAA
LAATALVFKDTDPAYAALCIRHAKELFDFAETTMSDKGYTAALNFYTSHSGWYDELSWAGAWIYLADGDETYLEKAEKYV
DKWPIESQTTYIAYSWGHCWDDVHYGAALLLAKITNKSLYKEAIERHLDYWTVGFNGQRVRYTPKGLAHLTDWGVLRHAT
TTAFLACVYSDWSECPREKANIYIDFAKKQADYALGSSGRSYVVGFGVNPPQHPHHRTAHSSWCDSQKVPEYHRHVLYGA
LVGGPDASDAYVDDIGNYVTNEVACDYNAGFVGLLAKMYEKYGGNPIPNFMAIEEKTNEEIYVEATANSNNGVELKTYLY
NKSGWPARVCDKLSFRYFMDLTEYVSAGYNPNDITVSIIYSAAPTAKISKPILYDASKNIYYCEIDLSGTKIFPGSNSDH
QKETQFRIQPPAGAPWDNTNDFSYQGIKKNGEVVKEMPVYEDGVLIFGVENLYFQSGSHHHHHHHH
;
_entity_poly.pdbx_strand_id   A
#
loop_
_chem_comp.id
_chem_comp.type
_chem_comp.name
_chem_comp.formula
CA non-polymer 'CALCIUM ION' 'Ca 2'
#
# COMPACT_ATOMS: atom_id res chain seq x y z
N ASP A 2 -1.49 22.65 20.66
N ASP A 2 -1.41 22.98 20.33
CA ASP A 2 -0.51 22.02 19.79
CA ASP A 2 -0.49 21.95 19.85
C ASP A 2 -1.19 21.05 18.84
C ASP A 2 -1.19 21.06 18.82
N TYR A 3 -0.39 20.36 18.02
CA TYR A 3 -0.94 19.47 17.01
C TYR A 3 -1.50 18.20 17.64
N ASN A 4 -2.56 17.67 17.02
CA ASN A 4 -3.22 16.46 17.50
C ASN A 4 -2.38 15.25 17.11
N TYR A 5 -1.52 14.81 18.03
CA TYR A 5 -0.64 13.69 17.74
C TYR A 5 -1.38 12.36 17.75
N GLY A 6 -2.47 12.25 18.51
CA GLY A 6 -3.23 11.03 18.52
C GLY A 6 -3.93 10.78 17.19
N GLU A 7 -4.56 11.81 16.62
CA GLU A 7 -5.14 11.69 15.29
C GLU A 7 -4.04 11.39 14.27
N ALA A 8 -2.92 12.10 14.35
CA ALA A 8 -1.82 11.84 13.42
C ALA A 8 -1.33 10.42 13.54
N LEU A 9 -1.13 9.95 14.77
CA LEU A 9 -0.70 8.57 14.99
C LEU A 9 -1.73 7.60 14.43
N GLN A 10 -3.00 7.86 14.71
CA GLN A 10 -4.08 7.03 14.18
C GLN A 10 -3.99 6.89 12.67
N LYS A 11 -3.79 8.01 11.97
CA LYS A 11 -3.75 7.95 10.51
C LYS A 11 -2.43 7.40 10.00
N ALA A 12 -1.31 7.74 10.65
CA ALA A 12 -0.03 7.20 10.23
C ALA A 12 -0.01 5.69 10.26
N ILE A 13 -0.73 5.09 11.21
CA ILE A 13 -0.81 3.63 11.29
C ILE A 13 -1.82 3.11 10.26
N MET A 14 -2.94 3.80 10.09
CA MET A 14 -3.94 3.35 9.12
C MET A 14 -3.36 3.33 7.71
N PHE A 15 -2.37 4.17 7.43
CA PHE A 15 -1.75 4.21 6.11
C PHE A 15 -1.39 2.81 5.64
N TYR A 16 -0.91 1.96 6.55
CA TYR A 16 -0.44 0.64 6.15
C TYR A 16 -1.58 -0.26 5.67
N GLU A 17 -2.81 -0.03 6.14
CA GLU A 17 -3.94 -0.77 5.60
C GLU A 17 -4.08 -0.56 4.09
N PHE A 18 -3.78 0.64 3.61
CA PHE A 18 -3.89 0.94 2.19
C PHE A 18 -2.79 0.28 1.37
N GLN A 19 -1.71 -0.15 2.03
CA GLN A 19 -0.61 -0.84 1.36
C GLN A 19 -0.74 -2.35 1.38
N MET A 20 -1.75 -2.89 2.06
CA MET A 20 -1.87 -4.34 2.19
C MET A 20 -2.06 -4.99 0.83
N SER A 21 -1.39 -6.11 0.64
CA SER A 21 -1.54 -6.97 -0.53
C SER A 21 -2.13 -8.31 -0.10
N GLY A 22 -2.92 -8.92 -0.99
CA GLY A 22 -3.43 -10.26 -0.79
C GLY A 22 -4.91 -10.28 -0.46
N LYS A 23 -5.33 -11.38 0.16
CA LYS A 23 -6.72 -11.53 0.59
C LYS A 23 -6.90 -10.78 1.91
N LEU A 24 -7.67 -9.70 1.86
CA LEU A 24 -7.70 -8.77 2.97
C LEU A 24 -8.61 -9.27 4.10
N PRO A 25 -8.32 -8.90 5.33
CA PRO A 25 -9.21 -9.25 6.44
C PRO A 25 -10.49 -8.44 6.37
N ASP A 26 -11.56 -9.01 6.93
CA ASP A 26 -12.85 -8.31 6.92
C ASP A 26 -12.92 -7.19 7.94
N ASN A 27 -11.87 -6.95 8.72
CA ASN A 27 -11.87 -5.88 9.71
C ASN A 27 -11.05 -4.67 9.28
N ILE A 28 -10.77 -4.53 7.98
CA ILE A 28 -10.16 -3.29 7.50
C ILE A 28 -11.13 -2.13 7.67
N ARG A 29 -10.58 -0.92 7.71
CA ARG A 29 -11.35 0.28 8.05
C ARG A 29 -11.58 1.20 6.86
N ASN A 30 -11.60 0.65 5.64
CA ASN A 30 -11.86 1.45 4.45
C ASN A 30 -12.76 0.68 3.50
N ASN A 31 -13.38 1.40 2.57
CA ASN A 31 -14.24 0.80 1.55
C ASN A 31 -13.64 0.92 0.16
N TRP A 32 -12.32 1.05 0.03
CA TRP A 32 -11.74 1.16 -1.31
C TRP A 32 -10.49 0.31 -1.51
N ARG A 33 -10.27 -0.69 -0.66
CA ARG A 33 -9.24 -1.70 -0.88
C ARG A 33 -9.90 -3.06 -0.92
N GLY A 34 -9.59 -3.86 -1.93
CA GLY A 34 -10.11 -5.21 -2.05
C GLY A 34 -8.99 -6.21 -2.24
N ASP A 35 -9.36 -7.47 -2.51
CA ASP A 35 -8.35 -8.50 -2.69
C ASP A 35 -7.45 -8.17 -3.87
N SER A 36 -6.17 -8.46 -3.71
CA SER A 36 -5.19 -8.12 -4.74
C SER A 36 -4.10 -9.18 -4.76
N CYS A 37 -3.60 -9.47 -5.97
CA CYS A 37 -2.40 -10.28 -6.15
C CYS A 37 -2.49 -11.58 -5.38
N LEU A 38 -3.63 -12.26 -5.55
CA LEU A 38 -3.87 -13.54 -4.88
C LEU A 38 -3.00 -14.66 -5.43
N GLY A 39 -2.42 -14.49 -6.61
CA GLY A 39 -1.56 -15.48 -7.20
C GLY A 39 -0.08 -15.31 -6.92
N ASP A 40 0.29 -14.37 -6.05
CA ASP A 40 1.69 -14.16 -5.72
C ASP A 40 2.31 -15.46 -5.22
N GLY A 41 3.44 -15.85 -5.82
CA GLY A 41 4.10 -17.09 -5.51
C GLY A 41 3.70 -18.25 -6.40
N SER A 42 2.63 -18.10 -7.19
CA SER A 42 2.14 -19.21 -7.99
C SER A 42 3.17 -19.70 -9.01
N ASP A 43 4.07 -18.81 -9.44
CA ASP A 43 5.07 -19.21 -10.42
C ASP A 43 6.12 -20.16 -9.84
N VAL A 44 6.20 -20.28 -8.52
CA VAL A 44 7.12 -21.19 -7.86
C VAL A 44 6.39 -22.18 -6.96
N GLY A 45 5.08 -22.28 -7.07
CA GLY A 45 4.33 -23.26 -6.31
C GLY A 45 4.21 -22.97 -4.83
N LEU A 46 4.25 -21.70 -4.45
CA LEU A 46 4.17 -21.30 -3.05
C LEU A 46 3.10 -20.23 -2.88
N ASP A 47 2.59 -20.13 -1.66
CA ASP A 47 1.73 -19.02 -1.26
C ASP A 47 2.63 -17.91 -0.75
N LEU A 48 2.81 -16.87 -1.57
CA LEU A 48 3.61 -15.72 -1.20
C LEU A 48 2.77 -14.45 -1.19
N THR A 49 1.47 -14.60 -0.89
CA THR A 49 0.58 -13.47 -0.76
C THR A 49 0.80 -12.76 0.57
N GLY A 50 0.19 -11.59 0.70
CA GLY A 50 0.34 -10.82 1.91
C GLY A 50 1.45 -9.80 1.79
N GLY A 51 1.82 -9.26 2.95
CA GLY A 51 2.80 -8.19 2.97
C GLY A 51 2.20 -6.89 2.46
N TRP A 52 3.09 -5.91 2.27
CA TRP A 52 2.70 -4.59 1.81
C TRP A 52 3.28 -4.30 0.43
N PHE A 53 2.50 -3.64 -0.41
CA PHE A 53 3.08 -2.95 -1.54
C PHE A 53 4.04 -1.88 -1.01
N ASP A 54 5.14 -1.66 -1.73
CA ASP A 54 6.21 -0.83 -1.20
C ASP A 54 5.81 0.64 -1.12
N ALA A 55 5.40 1.21 -2.25
CA ALA A 55 5.19 2.66 -2.33
C ALA A 55 3.89 2.99 -3.06
N GLY A 56 3.96 3.79 -4.12
CA GLY A 56 2.81 4.03 -4.97
C GLY A 56 2.67 2.99 -6.06
N ASP A 57 3.47 1.93 -6.01
CA ASP A 57 3.52 0.85 -6.95
C ASP A 57 2.97 -0.41 -6.28
N HIS A 58 3.14 -1.56 -6.94
CA HIS A 58 2.63 -2.81 -6.41
C HIS A 58 3.68 -3.91 -6.36
N VAL A 59 4.95 -3.55 -6.38
CA VAL A 59 6.00 -4.53 -6.14
C VAL A 59 6.14 -4.73 -4.63
N LYS A 60 6.49 -5.95 -4.25
CA LYS A 60 6.79 -6.27 -2.86
C LYS A 60 8.31 -6.37 -2.74
N PHE A 61 8.92 -5.33 -2.18
CA PHE A 61 10.36 -5.25 -1.96
C PHE A 61 10.65 -5.59 -0.51
N ASN A 62 11.23 -6.75 -0.26
CA ASN A 62 11.29 -7.27 1.10
C ASN A 62 12.28 -6.50 1.99
N LEU A 63 13.33 -5.90 1.40
CA LEU A 63 14.28 -5.17 2.24
C LEU A 63 13.63 -3.95 2.89
N PRO A 64 13.02 -3.02 2.15
CA PRO A 64 12.29 -1.94 2.84
C PRO A 64 11.08 -2.44 3.60
N MET A 65 10.43 -3.53 3.16
CA MET A 65 9.30 -4.05 3.90
C MET A 65 9.74 -4.58 5.26
N ALA A 66 10.86 -5.31 5.30
CA ALA A 66 11.39 -5.81 6.57
C ALA A 66 11.87 -4.67 7.46
N TYR A 67 12.57 -3.68 6.88
CA TYR A 67 12.93 -2.49 7.65
C TYR A 67 11.70 -1.86 8.29
N THR A 68 10.63 -1.70 7.51
CA THR A 68 9.41 -1.09 8.01
C THR A 68 8.87 -1.86 9.20
N ALA A 69 8.69 -3.18 9.03
CA ALA A 69 8.13 -4.00 10.10
C ALA A 69 8.95 -3.91 11.37
N THR A 70 10.28 -3.90 11.23
CA THR A 70 11.14 -3.78 12.40
C THR A 70 10.89 -2.46 13.12
N MET A 71 10.81 -1.36 12.37
CA MET A 71 10.62 -0.06 12.99
C MET A 71 9.27 0.02 13.71
N LEU A 72 8.23 -0.50 13.07
CA LEU A 72 6.91 -0.51 13.71
C LEU A 72 6.93 -1.33 15.00
N ALA A 73 7.57 -2.50 14.96
CA ALA A 73 7.70 -3.29 16.18
C ALA A 73 8.52 -2.53 17.23
N TRP A 74 9.54 -1.81 16.78
CA TRP A 74 10.32 -0.99 17.71
C TRP A 74 9.42 0.05 18.38
N ALA A 75 8.53 0.67 17.63
CA ALA A 75 7.58 1.61 18.22
C ALA A 75 6.74 0.93 19.28
N VAL A 76 6.23 -0.26 18.98
CA VAL A 76 5.46 -1.02 19.97
C VAL A 76 6.30 -1.30 21.21
N TYR A 77 7.54 -1.73 21.00
CA TYR A 77 8.41 -2.10 22.11
C TYR A 77 8.62 -0.94 23.06
N GLU A 78 8.84 0.27 22.52
CA GLU A 78 9.20 1.41 23.35
C GLU A 78 7.98 2.15 23.89
N TYR A 79 6.85 2.13 23.17
CA TYR A 79 5.70 2.98 23.49
C TYR A 79 4.41 2.20 23.47
N LYS A 80 4.43 0.98 24.00
CA LYS A 80 3.25 0.13 24.02
C LYS A 80 2.09 0.80 24.75
N ASP A 81 2.33 1.28 25.97
CA ASP A 81 1.25 1.81 26.78
C ASP A 81 0.59 3.02 26.13
N ALA A 82 1.40 3.91 25.55
CA ALA A 82 0.85 5.05 24.83
C ALA A 82 0.06 4.58 23.61
N LEU A 83 0.59 3.60 22.87
CA LEU A 83 -0.12 3.06 21.74
C LEU A 83 -1.42 2.39 22.17
N GLN A 84 -1.40 1.66 23.28
CA GLN A 84 -2.64 1.09 23.81
C GLN A 84 -3.66 2.19 24.07
N LYS A 85 -3.25 3.23 24.79
CA LYS A 85 -4.17 4.32 25.13
C LYS A 85 -4.74 4.99 23.89
N SER A 86 -3.96 5.09 22.82
CA SER A 86 -4.46 5.72 21.61
C SER A 86 -5.53 4.89 20.91
N GLY A 87 -5.66 3.62 21.27
CA GLY A 87 -6.58 2.73 20.61
C GLY A 87 -6.06 2.13 19.34
N GLN A 88 -4.79 2.34 19.02
CA GLN A 88 -4.21 1.94 17.74
C GLN A 88 -3.24 0.77 17.87
N LEU A 89 -3.04 0.23 19.07
CA LEU A 89 -2.05 -0.82 19.25
C LEU A 89 -2.46 -2.09 18.53
N GLY A 90 -3.75 -2.44 18.60
CA GLY A 90 -4.21 -3.64 17.90
C GLY A 90 -4.01 -3.55 16.41
N TYR A 91 -4.34 -2.41 15.81
CA TYR A 91 -4.17 -2.26 14.38
C TYR A 91 -2.70 -2.31 13.99
N LEU A 92 -1.84 -1.67 14.78
CA LEU A 92 -0.41 -1.70 14.50
C LEU A 92 0.12 -3.13 14.59
N MET A 93 -0.24 -3.85 15.66
CA MET A 93 0.19 -5.23 15.80
C MET A 93 -0.28 -6.09 14.63
N ASP A 94 -1.53 -5.85 14.16
CA ASP A 94 -2.04 -6.60 13.02
C ASP A 94 -1.20 -6.35 11.78
N GLN A 95 -0.75 -5.09 11.59
CA GLN A 95 0.06 -4.78 10.43
C GLN A 95 1.43 -5.40 10.53
N ILE A 96 2.02 -5.40 11.73
CA ILE A 96 3.30 -6.06 11.94
C ILE A 96 3.21 -7.53 11.59
N LYS A 97 2.12 -8.18 12.00
CA LYS A 97 1.97 -9.61 11.73
C LYS A 97 1.65 -9.87 10.27
N TRP A 98 0.95 -8.94 9.61
CA TRP A 98 0.70 -9.04 8.19
C TRP A 98 2.01 -9.14 7.41
N ALA A 99 2.97 -8.28 7.75
CA ALA A 99 4.27 -8.33 7.08
C ALA A 99 5.04 -9.59 7.48
N SER A 100 5.01 -9.95 8.76
CA SER A 100 5.87 -11.03 9.22
C SER A 100 5.34 -12.39 8.76
N ASP A 101 4.03 -12.59 8.78
CA ASP A 101 3.46 -13.79 8.16
C ASP A 101 3.98 -13.95 6.74
N TYR A 102 4.12 -12.84 6.01
CA TYR A 102 4.58 -12.90 4.64
C TYR A 102 6.06 -13.29 4.58
N PHE A 103 6.90 -12.69 5.42
CA PHE A 103 8.32 -13.07 5.44
C PHE A 103 8.46 -14.56 5.73
N ILE A 104 7.65 -15.09 6.64
CA ILE A 104 7.73 -16.51 6.96
C ILE A 104 7.41 -17.36 5.74
N ARG A 105 6.39 -16.96 4.99
CA ARG A 105 6.06 -17.72 3.78
C ARG A 105 7.17 -17.61 2.75
N CYS A 106 7.86 -16.48 2.69
CA CYS A 106 9.00 -16.32 1.79
C CYS A 106 10.21 -17.16 2.18
N HIS A 107 10.18 -17.87 3.30
CA HIS A 107 11.33 -18.62 3.80
C HIS A 107 10.96 -20.10 3.90
N PRO A 108 10.79 -20.77 2.76
CA PRO A 108 10.30 -22.16 2.79
C PRO A 108 11.32 -23.17 3.30
N GLU A 109 12.61 -22.85 3.25
CA GLU A 109 13.63 -23.72 3.82
C GLU A 109 14.79 -22.86 4.31
N LYS A 110 15.64 -23.46 5.13
CA LYS A 110 16.62 -22.68 5.90
C LYS A 110 17.40 -21.72 5.01
N TYR A 111 17.92 -22.19 3.89
CA TYR A 111 18.81 -21.40 3.03
C TYR A 111 18.15 -21.04 1.70
N VAL A 112 16.84 -20.81 1.72
CA VAL A 112 16.13 -20.30 0.54
C VAL A 112 15.17 -19.22 1.02
N TYR A 113 15.28 -18.02 0.46
CA TYR A 113 14.46 -16.90 0.86
C TYR A 113 14.01 -16.14 -0.37
N TYR A 114 12.71 -15.99 -0.54
CA TYR A 114 12.16 -15.13 -1.58
C TYR A 114 12.15 -13.70 -1.07
N TYR A 115 12.79 -12.80 -1.82
CA TYR A 115 12.99 -11.42 -1.39
C TYR A 115 12.20 -10.43 -2.22
N GLN A 116 11.43 -10.88 -3.20
CA GLN A 116 10.70 -9.95 -4.06
C GLN A 116 9.59 -10.70 -4.79
N VAL A 117 8.42 -10.09 -4.85
CA VAL A 117 7.34 -10.54 -5.73
C VAL A 117 6.96 -9.37 -6.62
N GLY A 118 7.01 -9.58 -7.93
CA GLY A 118 6.79 -8.51 -8.88
C GLY A 118 8.10 -7.98 -9.45
N ASN A 119 8.01 -7.45 -10.67
CA ASN A 119 9.15 -6.90 -11.38
C ASN A 119 8.99 -5.39 -11.49
N GLY A 120 9.99 -4.65 -11.02
CA GLY A 120 9.88 -3.21 -10.96
C GLY A 120 9.56 -2.59 -12.31
N ASP A 121 10.33 -2.96 -13.33
CA ASP A 121 10.10 -2.39 -14.66
C ASP A 121 8.73 -2.76 -15.20
N MET A 122 8.32 -4.03 -15.03
CA MET A 122 7.02 -4.45 -15.54
C MET A 122 5.89 -3.81 -14.73
N ASP A 123 6.02 -3.77 -13.41
CA ASP A 123 4.95 -3.25 -12.57
C ASP A 123 4.72 -1.76 -12.81
N HIS A 124 5.80 -0.99 -12.92
CA HIS A 124 5.69 0.47 -12.98
C HIS A 124 5.18 0.98 -14.32
N ARG A 125 5.14 0.13 -15.35
CA ARG A 125 4.58 0.54 -16.63
C ARG A 125 3.09 0.85 -16.54
N TRP A 126 2.40 0.33 -15.53
CA TRP A 126 0.95 0.36 -15.48
C TRP A 126 0.49 1.27 -14.35
N TRP A 127 -0.29 2.30 -14.70
CA TRP A 127 -0.90 3.17 -13.71
C TRP A 127 -2.33 2.71 -13.44
N VAL A 128 -2.42 1.59 -12.72
CA VAL A 128 -3.70 0.93 -12.47
C VAL A 128 -3.78 0.59 -10.99
N PRO A 129 -5.00 0.35 -10.49
CA PRO A 129 -5.16 0.04 -9.06
C PRO A 129 -4.64 -1.35 -8.69
N ALA A 130 -4.37 -1.51 -7.40
CA ALA A 130 -3.82 -2.77 -6.91
C ALA A 130 -4.68 -3.96 -7.28
N GLU A 131 -6.00 -3.80 -7.24
CA GLU A 131 -6.91 -4.90 -7.51
C GLU A 131 -6.91 -5.33 -8.97
N CYS A 132 -6.18 -4.62 -9.83
CA CYS A 132 -6.14 -4.93 -11.25
C CYS A 132 -4.73 -5.17 -11.79
N ILE A 133 -3.69 -4.87 -11.01
CA ILE A 133 -2.34 -4.87 -11.55
C ILE A 133 -1.93 -6.27 -12.03
N ASP A 134 -2.39 -7.32 -11.33
CA ASP A 134 -1.96 -8.67 -11.72
C ASP A 134 -2.64 -9.17 -12.99
N VAL A 135 -3.58 -8.42 -13.55
CA VAL A 135 -4.08 -8.75 -14.88
C VAL A 135 -3.17 -8.24 -15.99
N GLN A 136 -2.36 -7.21 -15.72
CA GLN A 136 -1.66 -6.49 -16.77
C GLN A 136 -0.27 -7.02 -17.05
N ALA A 137 0.31 -7.81 -16.15
CA ALA A 137 1.66 -8.29 -16.35
C ALA A 137 2.01 -9.38 -15.34
N PRO A 138 2.86 -10.33 -15.68
CA PRO A 138 3.28 -11.35 -14.70
C PRO A 138 3.99 -10.71 -13.52
N ARG A 139 3.96 -11.44 -12.40
CA ARG A 139 4.58 -11.01 -11.14
C ARG A 139 5.52 -12.10 -10.69
N PRO A 140 6.73 -12.15 -11.24
CA PRO A 140 7.66 -13.23 -10.87
C PRO A 140 8.11 -13.14 -9.42
N SER A 141 8.42 -14.31 -8.87
CA SER A 141 8.95 -14.44 -7.51
C SER A 141 10.46 -14.65 -7.58
N TYR A 142 11.21 -13.81 -6.86
CA TYR A 142 12.67 -13.85 -6.86
C TYR A 142 13.19 -14.32 -5.52
N LYS A 143 14.23 -15.17 -5.55
CA LYS A 143 14.78 -15.77 -4.34
C LYS A 143 16.30 -15.70 -4.34
N VAL A 144 16.85 -15.75 -3.14
CA VAL A 144 18.27 -15.99 -2.93
C VAL A 144 18.43 -17.37 -2.31
N ASP A 145 19.61 -17.95 -2.51
CA ASP A 145 19.97 -19.23 -1.93
C ASP A 145 21.49 -19.26 -1.76
N LEU A 146 22.04 -20.43 -1.44
CA LEU A 146 23.48 -20.50 -1.16
C LEU A 146 24.31 -20.20 -2.40
N SER A 147 23.83 -20.58 -3.59
CA SER A 147 24.56 -20.28 -4.81
C SER A 147 24.36 -18.85 -5.28
N ASN A 148 23.26 -18.21 -4.87
CA ASN A 148 22.95 -16.84 -5.27
C ASN A 148 22.46 -16.10 -4.02
N PRO A 149 23.37 -15.67 -3.16
CA PRO A 149 22.99 -15.24 -1.83
C PRO A 149 22.54 -13.78 -1.76
N GLY A 150 21.93 -13.43 -0.63
CA GLY A 150 21.51 -12.08 -0.33
C GLY A 150 21.62 -11.77 1.14
N SER A 151 22.84 -11.58 1.62
CA SER A 151 23.06 -11.41 3.06
C SER A 151 22.31 -10.19 3.60
N THR A 152 22.21 -9.13 2.81
CA THR A 152 21.58 -7.91 3.31
C THR A 152 20.10 -8.13 3.58
N VAL A 153 19.38 -8.70 2.61
CA VAL A 153 17.94 -8.81 2.76
C VAL A 153 17.57 -9.93 3.72
N THR A 154 18.35 -11.01 3.79
CA THR A 154 18.04 -12.05 4.76
C THR A 154 18.31 -11.57 6.19
N ALA A 155 19.41 -10.87 6.40
CA ALA A 155 19.66 -10.27 7.72
C ALA A 155 18.59 -9.24 8.05
N GLY A 156 18.22 -8.40 7.09
CA GLY A 156 17.15 -7.45 7.33
C GLY A 156 15.86 -8.12 7.75
N THR A 157 15.52 -9.23 7.11
CA THR A 157 14.30 -9.96 7.46
C THR A 157 14.45 -10.66 8.82
N ALA A 158 15.66 -11.12 9.14
CA ALA A 158 15.91 -11.70 10.46
C ALA A 158 15.59 -10.70 11.56
N ALA A 159 15.99 -9.43 11.37
CA ALA A 159 15.69 -8.40 12.36
C ALA A 159 14.19 -8.19 12.50
N ALA A 160 13.47 -8.16 11.37
CA ALA A 160 12.04 -7.94 11.44
C ALA A 160 11.35 -9.06 12.20
N LEU A 161 11.74 -10.31 11.95
CA LEU A 161 11.07 -11.43 12.61
C LEU A 161 11.47 -11.52 14.08
N ALA A 162 12.70 -11.15 14.41
CA ALA A 162 13.10 -11.12 15.81
C ALA A 162 12.37 -10.01 16.56
N ALA A 163 12.27 -8.83 15.96
CA ALA A 163 11.51 -7.74 16.59
C ALA A 163 10.04 -8.13 16.73
N THR A 164 9.49 -8.78 15.71
CA THR A 164 8.12 -9.27 15.82
C THR A 164 7.97 -10.26 16.96
N ALA A 165 8.92 -11.20 17.08
CA ALA A 165 8.88 -12.15 18.18
C ALA A 165 8.91 -11.43 19.53
N LEU A 166 9.77 -10.42 19.65
CA LEU A 166 9.84 -9.66 20.89
C LEU A 166 8.47 -9.13 21.31
N VAL A 167 7.76 -8.45 20.41
CA VAL A 167 6.51 -7.79 20.79
C VAL A 167 5.32 -8.74 20.84
N PHE A 168 5.44 -9.96 20.31
CA PHE A 168 4.35 -10.92 20.33
C PHE A 168 4.53 -12.02 21.35
N LYS A 169 5.69 -12.11 22.03
CA LYS A 169 5.95 -13.30 22.82
C LYS A 169 5.05 -13.42 24.04
N ASP A 170 4.47 -12.32 24.51
CA ASP A 170 3.54 -12.40 25.64
C ASP A 170 2.12 -12.73 25.19
N THR A 171 1.67 -12.16 24.08
CA THR A 171 0.31 -12.36 23.61
C THR A 171 0.16 -13.56 22.69
N ASP A 172 1.26 -14.04 22.07
CA ASP A 172 1.21 -15.16 21.15
C ASP A 172 2.52 -15.91 21.22
N PRO A 173 2.76 -16.65 22.31
CA PRO A 173 4.06 -17.32 22.46
C PRO A 173 4.39 -18.27 21.31
N ALA A 174 3.39 -18.95 20.75
CA ALA A 174 3.66 -19.89 19.67
C ALA A 174 4.13 -19.17 18.41
N TYR A 175 3.52 -18.02 18.10
CA TYR A 175 3.94 -17.26 16.94
C TYR A 175 5.33 -16.67 17.14
N ALA A 176 5.62 -16.16 18.33
CA ALA A 176 6.95 -15.61 18.59
C ALA A 176 8.01 -16.69 18.46
N ALA A 177 7.73 -17.90 18.95
CA ALA A 177 8.68 -18.99 18.81
C ALA A 177 8.92 -19.34 17.34
N LEU A 178 7.88 -19.28 16.52
CA LEU A 178 8.05 -19.47 15.09
C LEU A 178 8.91 -18.37 14.49
N CYS A 179 8.60 -17.12 14.81
CA CYS A 179 9.34 -15.99 14.25
C CYS A 179 10.82 -16.06 14.63
N ILE A 180 11.13 -16.38 15.88
CA ILE A 180 12.50 -16.32 16.33
C ILE A 180 13.33 -17.43 15.69
N ARG A 181 12.72 -18.61 15.47
CA ARG A 181 13.42 -19.67 14.77
C ARG A 181 13.79 -19.23 13.36
N HIS A 182 12.80 -18.72 12.61
CA HIS A 182 13.09 -18.22 11.27
C HIS A 182 14.15 -17.12 11.32
N ALA A 183 14.12 -16.28 12.35
CA ALA A 183 15.08 -15.19 12.46
C ALA A 183 16.50 -15.72 12.58
N LYS A 184 16.73 -16.67 13.47
CA LYS A 184 18.08 -17.19 13.65
C LYS A 184 18.57 -17.89 12.38
N GLU A 185 17.67 -18.61 11.71
CA GLU A 185 18.04 -19.27 10.46
C GLU A 185 18.44 -18.25 9.40
N LEU A 186 17.64 -17.20 9.24
CA LEU A 186 17.96 -16.15 8.26
C LEU A 186 19.26 -15.45 8.63
N PHE A 187 19.51 -15.25 9.93
CA PHE A 187 20.78 -14.68 10.35
C PHE A 187 21.93 -15.57 9.91
N ASP A 188 21.86 -16.86 10.25
CA ASP A 188 22.91 -17.79 9.86
C ASP A 188 23.09 -17.81 8.35
N PHE A 189 21.99 -17.79 7.61
CA PHE A 189 22.03 -17.72 6.15
C PHE A 189 22.83 -16.50 5.70
N ALA A 190 22.50 -15.33 6.21
CA ALA A 190 23.22 -14.11 5.83
C ALA A 190 24.69 -14.20 6.23
N GLU A 191 24.96 -14.63 7.46
CA GLU A 191 26.32 -14.66 7.96
C GLU A 191 27.16 -15.70 7.22
N THR A 192 26.53 -16.78 6.77
CA THR A 192 27.24 -17.84 6.08
C THR A 192 27.70 -17.40 4.69
N THR A 193 26.94 -16.54 4.03
CA THR A 193 27.17 -16.22 2.63
C THR A 193 27.96 -14.93 2.42
N MET A 194 27.78 -13.94 3.28
CA MET A 194 28.51 -12.68 3.19
C MET A 194 28.59 -12.20 1.74
N SER A 195 27.42 -12.05 1.13
CA SER A 195 27.37 -11.65 -0.29
C SER A 195 25.95 -11.27 -0.67
N ASP A 196 25.84 -10.30 -1.57
CA ASP A 196 24.58 -9.90 -2.19
C ASP A 196 24.53 -10.28 -3.66
N LYS A 197 25.37 -11.22 -4.09
CA LYS A 197 25.48 -11.56 -5.50
C LYS A 197 24.13 -11.95 -6.11
N GLY A 198 23.32 -12.68 -5.36
CA GLY A 198 22.01 -13.08 -5.84
C GLY A 198 20.89 -12.07 -5.65
N TYR A 199 21.19 -10.93 -5.03
CA TYR A 199 20.20 -9.90 -4.74
C TYR A 199 20.21 -8.91 -5.90
N THR A 200 19.54 -9.28 -6.99
CA THR A 200 19.58 -8.54 -8.23
C THR A 200 18.25 -7.98 -8.69
N ALA A 201 17.12 -8.61 -8.32
CA ALA A 201 15.83 -8.16 -8.84
C ALA A 201 15.46 -6.76 -8.39
N ALA A 202 16.02 -6.29 -7.26
CA ALA A 202 15.73 -4.96 -6.75
C ALA A 202 16.70 -3.91 -7.27
N LEU A 203 17.51 -4.23 -8.28
CA LEU A 203 18.44 -3.26 -8.82
C LEU A 203 17.70 -2.01 -9.30
N ASN A 204 18.24 -0.84 -8.95
CA ASN A 204 17.73 0.48 -9.30
C ASN A 204 16.54 0.87 -8.45
N PHE A 205 16.07 0.01 -7.55
CA PHE A 205 14.98 0.33 -6.64
C PHE A 205 15.41 0.25 -5.19
N TYR A 206 15.97 -0.88 -4.76
CA TYR A 206 16.46 -1.02 -3.39
C TYR A 206 17.79 -1.78 -3.37
N THR A 207 18.72 -1.31 -4.21
CA THR A 207 20.09 -1.79 -4.15
C THR A 207 20.69 -1.46 -2.78
N SER A 208 21.48 -2.39 -2.26
CA SER A 208 22.18 -2.21 -0.99
C SER A 208 23.60 -1.75 -1.31
N HIS A 209 23.84 -0.44 -1.27
CA HIS A 209 25.19 0.07 -1.43
C HIS A 209 26.01 -0.06 -0.15
N SER A 210 25.35 -0.15 1.01
CA SER A 210 26.05 -0.21 2.29
C SER A 210 26.41 -1.62 2.71
N GLY A 211 25.80 -2.63 2.13
CA GLY A 211 26.12 -3.99 2.47
C GLY A 211 25.32 -4.51 3.64
N TRP A 212 25.85 -5.58 4.24
CA TRP A 212 25.11 -6.40 5.18
C TRP A 212 25.68 -6.39 6.59
N TYR A 213 26.85 -5.81 6.83
CA TYR A 213 27.45 -5.91 8.16
C TYR A 213 26.65 -5.13 9.19
N ASP A 214 26.15 -3.94 8.82
CA ASP A 214 25.25 -3.24 9.73
C ASP A 214 23.99 -4.05 10.00
N GLU A 215 23.45 -4.70 8.96
CA GLU A 215 22.26 -5.52 9.14
C GLU A 215 22.51 -6.69 10.10
N LEU A 216 23.72 -7.24 10.10
CA LEU A 216 24.02 -8.35 11.00
C LEU A 216 23.98 -7.91 12.46
N SER A 217 24.57 -6.74 12.77
CA SER A 217 24.47 -6.22 14.13
C SER A 217 23.02 -5.89 14.48
N TRP A 218 22.32 -5.25 13.55
CA TRP A 218 20.90 -4.93 13.70
C TRP A 218 20.10 -6.19 14.05
N ALA A 219 20.24 -7.24 13.22
CA ALA A 219 19.49 -8.47 13.46
C ALA A 219 19.94 -9.16 14.73
N GLY A 220 21.25 -9.21 14.98
CA GLY A 220 21.74 -9.85 16.19
C GLY A 220 21.19 -9.20 17.44
N ALA A 221 21.14 -7.87 17.48
CA ALA A 221 20.65 -7.19 18.67
C ALA A 221 19.17 -7.50 18.91
N TRP A 222 18.36 -7.49 17.85
CA TRP A 222 16.94 -7.80 18.00
C TRP A 222 16.74 -9.24 18.44
N ILE A 223 17.50 -10.17 17.87
CA ILE A 223 17.43 -11.57 18.32
C ILE A 223 17.71 -11.66 19.81
N TYR A 224 18.77 -10.99 20.27
CA TYR A 224 19.10 -11.02 21.70
C TYR A 224 17.95 -10.46 22.53
N LEU A 225 17.37 -9.33 22.10
CA LEU A 225 16.28 -8.74 22.86
C LEU A 225 15.07 -9.68 22.90
N ALA A 226 14.83 -10.40 21.83
CA ALA A 226 13.62 -11.22 21.75
C ALA A 226 13.72 -12.43 22.67
N ASP A 227 14.87 -13.13 22.69
CA ASP A 227 14.98 -14.36 23.47
C ASP A 227 16.27 -14.47 24.27
N GLY A 228 17.08 -13.42 24.34
CA GLY A 228 18.21 -13.40 25.26
C GLY A 228 19.38 -14.30 24.90
N ASP A 229 19.47 -14.75 23.65
CA ASP A 229 20.57 -15.61 23.23
C ASP A 229 21.84 -14.78 23.06
N GLU A 230 22.78 -14.92 24.00
CA GLU A 230 24.00 -14.11 23.96
C GLU A 230 24.86 -14.43 22.75
N THR A 231 24.74 -15.63 22.18
CA THR A 231 25.47 -15.97 20.97
C THR A 231 25.27 -14.90 19.89
N TYR A 232 24.08 -14.31 19.81
CA TYR A 232 23.77 -13.36 18.76
C TYR A 232 24.11 -11.93 19.14
N LEU A 233 24.11 -11.61 20.43
CA LEU A 233 24.68 -10.32 20.86
C LEU A 233 26.17 -10.27 20.56
N GLU A 234 26.89 -11.38 20.81
CA GLU A 234 28.32 -11.42 20.54
C GLU A 234 28.59 -11.24 19.05
N LYS A 235 27.82 -11.93 18.20
CA LYS A 235 27.96 -11.73 16.76
C LYS A 235 27.61 -10.30 16.37
N ALA A 236 26.60 -9.72 17.02
CA ALA A 236 26.22 -8.34 16.70
C ALA A 236 27.37 -7.37 16.99
N GLU A 237 28.04 -7.55 18.12
CA GLU A 237 29.18 -6.70 18.44
C GLU A 237 30.39 -7.05 17.59
N LYS A 238 30.48 -8.31 17.16
CA LYS A 238 31.60 -8.73 16.31
C LYS A 238 31.72 -7.88 15.05
N TYR A 239 30.58 -7.48 14.47
CA TYR A 239 30.58 -6.79 13.18
C TYR A 239 30.55 -5.28 13.31
N VAL A 240 30.63 -4.75 14.53
CA VAL A 240 30.63 -3.30 14.70
C VAL A 240 31.81 -2.66 13.98
N ASP A 241 32.97 -3.32 14.02
CA ASP A 241 34.16 -2.75 13.40
C ASP A 241 34.10 -2.82 11.89
N LYS A 242 33.12 -3.53 11.33
CA LYS A 242 32.86 -3.51 9.89
C LYS A 242 31.88 -2.40 9.50
N TRP A 243 31.31 -1.68 10.45
CA TRP A 243 30.36 -0.64 10.14
C TRP A 243 31.03 0.47 9.34
N PRO A 244 30.25 1.28 8.61
CA PRO A 244 30.83 2.44 7.94
C PRO A 244 31.52 3.36 8.94
N ILE A 245 32.59 4.00 8.47
CA ILE A 245 33.40 4.91 9.28
C ILE A 245 33.35 6.28 8.61
N GLU A 246 33.14 7.32 9.42
CA GLU A 246 33.20 8.68 8.89
C GLU A 246 34.60 8.94 8.32
N SER A 247 34.66 9.20 7.02
CA SER A 247 35.97 9.29 6.37
C SER A 247 36.84 10.35 7.04
N GLN A 248 38.15 10.11 6.99
CA GLN A 248 39.19 10.93 7.62
C GLN A 248 39.15 10.85 9.14
N THR A 249 38.38 9.93 9.71
CA THR A 249 38.33 9.73 11.16
C THR A 249 38.27 8.25 11.46
N THR A 250 38.24 7.91 12.74
CA THR A 250 37.97 6.56 13.19
C THR A 250 36.56 6.41 13.76
N TYR A 251 35.77 7.48 13.73
CA TYR A 251 34.42 7.44 14.29
C TYR A 251 33.50 6.57 13.44
N ILE A 252 32.65 5.81 14.11
CA ILE A 252 31.51 5.20 13.42
C ILE A 252 30.76 6.31 12.68
N ALA A 253 30.38 6.02 11.44
CA ALA A 253 29.74 7.03 10.60
C ALA A 253 28.52 7.62 11.30
N TYR A 254 28.36 8.94 11.18
CA TYR A 254 27.31 9.64 11.91
C TYR A 254 26.57 10.70 11.10
N SER A 255 26.98 11.02 9.88
CA SER A 255 26.43 12.16 9.15
C SER A 255 25.31 11.77 8.19
N TRP A 256 24.93 10.50 8.14
CA TRP A 256 23.73 10.11 7.39
C TRP A 256 22.61 9.90 8.41
N GLY A 257 21.75 8.91 8.20
CA GLY A 257 20.68 8.64 9.14
C GLY A 257 20.18 7.24 9.01
N HIS A 258 19.48 6.79 10.05
CA HIS A 258 18.84 5.48 10.03
C HIS A 258 17.82 5.39 8.91
N CYS A 259 17.89 4.32 8.12
CA CYS A 259 16.98 4.10 7.01
C CYS A 259 17.15 2.66 6.55
N TRP A 260 16.42 2.30 5.48
CA TRP A 260 16.37 0.91 5.05
C TRP A 260 17.73 0.41 4.56
N ASP A 261 18.59 1.30 4.06
CA ASP A 261 19.91 0.89 3.57
C ASP A 261 21.03 1.29 4.52
N ASP A 262 20.70 1.65 5.77
CA ASP A 262 21.74 1.94 6.75
C ASP A 262 21.10 1.84 8.13
N VAL A 263 21.27 0.69 8.78
CA VAL A 263 20.63 0.40 10.06
C VAL A 263 21.61 0.43 11.22
N HIS A 264 22.86 0.83 10.99
CA HIS A 264 23.82 0.84 12.08
C HIS A 264 23.52 1.95 13.08
N TYR A 265 22.77 2.98 12.67
CA TYR A 265 22.35 4.01 13.62
C TYR A 265 21.41 3.42 14.67
N GLY A 266 20.39 2.69 14.23
CA GLY A 266 19.52 2.02 15.18
C GLY A 266 20.25 0.92 15.93
N ALA A 267 21.13 0.21 15.23
CA ALA A 267 21.89 -0.87 15.88
C ALA A 267 22.78 -0.32 16.98
N ALA A 268 23.40 0.83 16.75
CA ALA A 268 24.22 1.45 17.80
C ALA A 268 23.36 1.83 18.99
N LEU A 269 22.14 2.32 18.74
CA LEU A 269 21.26 2.69 19.84
C LEU A 269 20.85 1.48 20.66
N LEU A 270 20.45 0.40 19.99
CA LEU A 270 20.09 -0.82 20.70
C LEU A 270 21.27 -1.37 21.48
N LEU A 271 22.43 -1.51 20.84
CA LEU A 271 23.60 -2.04 21.54
C LEU A 271 24.00 -1.15 22.71
N ALA A 272 23.78 0.16 22.59
CA ALA A 272 24.03 1.05 23.72
C ALA A 272 23.16 0.68 24.91
N LYS A 273 21.85 0.48 24.69
CA LYS A 273 20.95 0.17 25.78
C LYS A 273 21.19 -1.25 26.33
N ILE A 274 21.67 -2.16 25.48
CA ILE A 274 21.91 -3.52 25.94
C ILE A 274 23.16 -3.59 26.82
N THR A 275 24.25 -2.97 26.36
CA THR A 275 25.55 -3.14 27.00
C THR A 275 26.01 -1.92 27.79
N ASN A 276 25.44 -0.74 27.55
CA ASN A 276 25.86 0.50 28.19
C ASN A 276 27.32 0.83 27.91
N LYS A 277 27.86 0.30 26.81
CA LYS A 277 29.26 0.54 26.46
C LYS A 277 29.45 1.92 25.85
N SER A 278 30.53 2.58 26.25
CA SER A 278 30.79 3.95 25.81
C SER A 278 30.87 4.05 24.29
N LEU A 279 31.39 3.02 23.62
CA LEU A 279 31.50 3.07 22.16
C LEU A 279 30.15 3.36 21.52
N TYR A 280 29.11 2.62 21.91
CA TYR A 280 27.80 2.80 21.29
C TYR A 280 27.14 4.10 21.75
N LYS A 281 27.25 4.42 23.04
CA LYS A 281 26.62 5.64 23.54
C LYS A 281 27.23 6.86 22.86
N GLU A 282 28.55 6.88 22.69
CA GLU A 282 29.20 8.02 22.05
C GLU A 282 28.84 8.09 20.58
N ALA A 283 28.73 6.94 19.91
CA ALA A 283 28.44 6.94 18.49
C ALA A 283 27.07 7.52 18.21
N ILE A 284 26.06 7.12 18.99
CA ILE A 284 24.71 7.61 18.75
C ILE A 284 24.59 9.07 19.19
N GLU A 285 25.26 9.44 20.27
CA GLU A 285 25.24 10.86 20.67
C GLU A 285 25.92 11.72 19.63
N ARG A 286 27.03 11.24 19.06
CA ARG A 286 27.69 11.94 17.98
C ARG A 286 26.73 12.16 16.80
N HIS A 287 25.95 11.13 16.48
CA HIS A 287 24.98 11.23 15.39
C HIS A 287 23.88 12.24 15.72
N LEU A 288 23.25 12.10 16.89
CA LEU A 288 22.17 13.01 17.24
C LEU A 288 22.68 14.44 17.44
N ASP A 289 23.90 14.61 17.92
CA ASP A 289 24.47 15.95 18.05
C ASP A 289 24.63 16.58 16.67
N TYR A 290 25.17 15.82 15.71
CA TYR A 290 25.32 16.33 14.35
C TYR A 290 23.98 16.82 13.80
N TRP A 291 22.89 16.13 14.14
CA TRP A 291 21.56 16.48 13.64
C TRP A 291 20.92 17.63 14.41
N THR A 292 21.49 18.04 15.53
CA THR A 292 20.86 19.06 16.37
C THR A 292 21.76 20.26 16.57
N VAL A 293 22.66 20.18 17.56
CA VAL A 293 23.54 21.30 17.87
C VAL A 293 24.82 21.29 17.06
N GLY A 294 25.15 20.18 16.41
CA GLY A 294 26.36 20.08 15.63
C GLY A 294 27.45 19.30 16.34
N PHE A 295 28.43 18.85 15.55
CA PHE A 295 29.56 18.09 16.08
C PHE A 295 30.81 18.49 15.32
N ASN A 296 31.83 18.95 16.05
CA ASN A 296 33.11 19.35 15.46
C ASN A 296 32.92 20.33 14.31
N GLY A 297 32.06 21.32 14.53
CA GLY A 297 31.86 22.37 13.55
C GLY A 297 31.07 21.97 12.32
N GLN A 298 30.36 20.84 12.37
CA GLN A 298 29.55 20.37 11.26
C GLN A 298 28.14 20.07 11.78
N ARG A 299 27.14 20.34 10.95
CA ARG A 299 25.76 20.15 11.35
C ARG A 299 24.90 19.89 10.12
N VAL A 300 23.88 19.05 10.31
CA VAL A 300 22.98 18.75 9.20
C VAL A 300 22.32 20.04 8.72
N ARG A 301 22.05 20.11 7.43
N ARG A 301 22.05 20.11 7.43
CA ARG A 301 21.38 21.26 6.86
CA ARG A 301 21.37 21.27 6.86
C ARG A 301 19.97 21.42 7.44
C ARG A 301 19.98 21.42 7.46
N TYR A 302 19.59 22.68 7.69
CA TYR A 302 18.26 23.01 8.18
C TYR A 302 17.61 24.01 7.22
N THR A 303 16.34 23.81 6.92
CA THR A 303 15.60 24.79 6.15
C THR A 303 15.36 26.04 7.00
N PRO A 304 15.03 27.16 6.38
CA PRO A 304 14.71 28.36 7.16
C PRO A 304 13.54 28.17 8.12
N LYS A 305 12.64 27.23 7.86
CA LYS A 305 11.50 26.98 8.74
C LYS A 305 11.71 25.79 9.67
N GLY A 306 12.93 25.29 9.80
CA GLY A 306 13.29 24.39 10.88
C GLY A 306 13.32 22.91 10.57
N LEU A 307 13.14 22.52 9.31
CA LEU A 307 13.21 21.12 8.94
C LEU A 307 14.66 20.69 8.78
N ALA A 308 15.04 19.62 9.50
CA ALA A 308 16.34 19.02 9.30
C ALA A 308 16.37 18.33 7.93
N HIS A 309 17.21 18.82 7.03
CA HIS A 309 17.13 18.50 5.61
C HIS A 309 18.40 17.74 5.20
N LEU A 310 18.37 16.41 5.37
CA LEU A 310 19.55 15.59 5.09
C LEU A 310 19.77 15.44 3.60
N THR A 311 18.69 15.32 2.84
CA THR A 311 18.76 15.01 1.41
C THR A 311 17.46 15.45 0.77
N ASP A 312 17.44 15.44 -0.55
CA ASP A 312 16.24 15.79 -1.30
C ASP A 312 15.34 14.59 -1.57
N TRP A 313 15.79 13.37 -1.25
CA TRP A 313 15.01 12.16 -1.48
C TRP A 313 14.44 11.68 -0.14
N GLY A 314 13.12 11.73 -0.02
CA GLY A 314 12.47 11.32 1.21
C GLY A 314 12.98 12.08 2.41
N VAL A 315 12.94 13.41 2.35
CA VAL A 315 13.57 14.21 3.40
C VAL A 315 12.79 14.09 4.71
N LEU A 316 11.46 14.01 4.63
CA LEU A 316 10.68 13.89 5.86
C LEU A 316 10.82 12.50 6.47
N ARG A 317 10.95 11.48 5.64
CA ARG A 317 11.28 10.14 6.10
C ARG A 317 12.55 10.17 6.96
N HIS A 318 13.57 10.88 6.48
CA HIS A 318 14.83 10.92 7.21
C HIS A 318 14.72 11.72 8.50
N ALA A 319 14.04 12.87 8.46
CA ALA A 319 13.97 13.71 9.64
C ALA A 319 13.13 13.07 10.74
N THR A 320 12.01 12.45 10.38
CA THR A 320 11.14 11.84 11.37
C THR A 320 11.73 10.56 11.93
N THR A 321 12.49 9.81 11.11
CA THR A 321 13.14 8.62 11.63
C THR A 321 14.22 8.98 12.64
N THR A 322 15.08 9.95 12.29
CA THR A 322 16.09 10.39 13.24
C THR A 322 15.43 10.94 14.50
N ALA A 323 14.30 11.65 14.35
CA ALA A 323 13.59 12.13 15.52
C ALA A 323 13.14 10.98 16.40
N PHE A 324 12.65 9.90 15.79
CA PHE A 324 12.27 8.73 16.57
C PHE A 324 13.45 8.21 17.40
N LEU A 325 14.60 8.01 16.75
CA LEU A 325 15.79 7.60 17.49
C LEU A 325 16.08 8.58 18.63
N ALA A 326 15.95 9.88 18.36
CA ALA A 326 16.12 10.88 19.40
C ALA A 326 15.14 10.64 20.56
N CYS A 327 13.91 10.25 20.25
CA CYS A 327 12.94 9.96 21.31
C CYS A 327 13.41 8.78 22.16
N VAL A 328 13.85 7.71 21.50
CA VAL A 328 14.25 6.51 22.24
C VAL A 328 15.44 6.81 23.13
N TYR A 329 16.47 7.45 22.59
CA TYR A 329 17.67 7.71 23.38
C TYR A 329 17.38 8.70 24.49
N SER A 330 16.60 9.74 24.21
CA SER A 330 16.31 10.75 25.23
C SER A 330 15.51 10.17 26.38
N ASP A 331 14.73 9.11 26.15
CA ASP A 331 13.99 8.47 27.24
C ASP A 331 14.87 7.55 28.08
N TRP A 332 16.05 7.20 27.59
CA TRP A 332 16.93 6.29 28.32
C TRP A 332 17.58 7.00 29.49
N SER A 333 17.67 6.29 30.62
CA SER A 333 18.18 6.91 31.84
C SER A 333 19.67 7.27 31.73
N GLU A 334 20.41 6.57 30.89
CA GLU A 334 21.84 6.86 30.74
C GLU A 334 22.13 7.99 29.77
N CYS A 335 21.12 8.55 29.13
CA CYS A 335 21.35 9.69 28.25
C CYS A 335 21.66 10.92 29.07
N PRO A 336 22.77 11.62 28.82
CA PRO A 336 23.05 12.86 29.54
C PRO A 336 21.85 13.82 29.47
N ARG A 337 21.53 14.44 30.60
CA ARG A 337 20.26 15.14 30.72
C ARG A 337 20.18 16.34 29.79
N GLU A 338 21.23 17.17 29.72
CA GLU A 338 21.17 18.36 28.90
C GLU A 338 20.78 18.01 27.47
N LYS A 339 21.43 17.01 26.88
CA LYS A 339 21.11 16.65 25.51
C LYS A 339 19.85 15.80 25.39
N ALA A 340 19.43 15.12 26.46
CA ALA A 340 18.10 14.53 26.45
C ALA A 340 17.06 15.59 26.11
N ASN A 341 17.18 16.77 26.72
CA ASN A 341 16.27 17.87 26.41
C ASN A 341 16.46 18.37 24.99
N ILE A 342 17.71 18.52 24.55
CA ILE A 342 17.97 18.93 23.17
C ILE A 342 17.32 17.95 22.21
N TYR A 343 17.50 16.64 22.46
CA TYR A 343 17.03 15.64 21.52
C TYR A 343 15.51 15.63 21.42
N ILE A 344 14.82 15.68 22.56
CA ILE A 344 13.36 15.61 22.55
C ILE A 344 12.77 16.90 21.98
N ASP A 345 13.40 18.04 22.27
N ASP A 345 13.40 18.04 22.27
CA ASP A 345 13.00 19.29 21.62
CA ASP A 345 12.98 19.29 21.63
C ASP A 345 13.16 19.21 20.11
C ASP A 345 13.16 19.20 20.11
N PHE A 346 14.27 18.63 19.66
CA PHE A 346 14.46 18.40 18.23
C PHE A 346 13.38 17.48 17.67
N ALA A 347 13.03 16.43 18.41
CA ALA A 347 12.05 15.48 17.91
C ALA A 347 10.68 16.13 17.72
N LYS A 348 10.27 16.97 18.66
CA LYS A 348 8.96 17.61 18.55
C LYS A 348 8.92 18.54 17.34
N LYS A 349 9.99 19.27 17.10
CA LYS A 349 10.01 20.23 16.00
C LYS A 349 9.94 19.53 14.65
N GLN A 350 10.62 18.40 14.51
CA GLN A 350 10.51 17.63 13.28
C GLN A 350 9.12 17.02 13.13
N ALA A 351 8.55 16.53 14.23
CA ALA A 351 7.17 16.05 14.20
C ALA A 351 6.22 17.18 13.81
N ASP A 352 6.41 18.36 14.37
CA ASP A 352 5.50 19.47 14.09
C ASP A 352 5.68 19.98 12.67
N TYR A 353 6.89 19.87 12.10
CA TYR A 353 7.06 20.25 10.70
C TYR A 353 6.24 19.34 9.80
N ALA A 354 6.35 18.02 10.00
CA ALA A 354 5.58 17.09 9.20
C ALA A 354 4.08 17.37 9.31
N LEU A 355 3.62 17.78 10.49
CA LEU A 355 2.20 17.93 10.75
C LEU A 355 1.65 19.32 10.40
N GLY A 356 2.51 20.33 10.22
CA GLY A 356 2.03 21.60 9.72
C GLY A 356 2.72 22.88 10.16
N SER A 357 3.82 22.80 10.91
CA SER A 357 4.42 24.02 11.46
C SER A 357 4.84 25.01 10.37
N SER A 358 5.14 24.52 9.17
CA SER A 358 5.61 25.42 8.11
C SER A 358 4.46 26.09 7.36
N GLY A 359 3.21 25.84 7.74
CA GLY A 359 2.06 26.42 7.08
C GLY A 359 1.12 25.40 6.46
N ARG A 360 1.60 24.20 6.16
CA ARG A 360 0.75 23.14 5.64
C ARG A 360 1.23 21.81 6.19
N SER A 361 0.29 20.88 6.33
CA SER A 361 0.61 19.50 6.67
C SER A 361 1.24 18.80 5.48
N TYR A 362 2.19 17.90 5.79
CA TYR A 362 2.74 16.98 4.80
C TYR A 362 2.26 15.56 5.03
N VAL A 363 1.15 15.41 5.75
CA VAL A 363 0.53 14.12 6.00
C VAL A 363 -0.80 14.11 5.27
N VAL A 364 -0.93 13.22 4.29
CA VAL A 364 -2.15 13.13 3.50
C VAL A 364 -3.33 12.98 4.44
N GLY A 365 -4.37 13.77 4.20
CA GLY A 365 -5.61 13.63 4.95
C GLY A 365 -5.53 14.10 6.38
N PHE A 366 -4.51 14.88 6.74
CA PHE A 366 -4.36 15.37 8.11
C PHE A 366 -4.03 16.85 8.11
N GLY A 367 -4.70 17.60 8.97
CA GLY A 367 -4.28 18.95 9.27
C GLY A 367 -4.63 19.96 8.20
N VAL A 368 -3.84 21.03 8.18
CA VAL A 368 -4.10 22.19 7.34
C VAL A 368 -3.50 21.94 5.95
N ASN A 369 -4.36 21.97 4.94
CA ASN A 369 -3.93 21.94 3.55
C ASN A 369 -2.96 20.79 3.28
N PRO A 370 -3.36 19.55 3.58
CA PRO A 370 -2.46 18.42 3.36
C PRO A 370 -2.24 18.19 1.87
N PRO A 371 -1.26 17.38 1.50
CA PRO A 371 -1.08 17.05 0.08
C PRO A 371 -2.28 16.29 -0.45
N GLN A 372 -2.68 16.62 -1.68
CA GLN A 372 -3.86 16.01 -2.28
C GLN A 372 -3.55 15.10 -3.46
N HIS A 373 -2.31 15.09 -3.95
CA HIS A 373 -1.95 14.32 -5.14
C HIS A 373 -0.74 13.42 -4.89
N PRO A 374 -0.79 12.59 -3.84
CA PRO A 374 0.34 11.68 -3.59
C PRO A 374 0.56 10.76 -4.78
N HIS A 375 1.83 10.45 -5.04
CA HIS A 375 2.22 9.59 -6.16
C HIS A 375 1.90 8.14 -5.76
N HIS A 376 0.63 7.77 -5.98
CA HIS A 376 0.11 6.51 -5.47
C HIS A 376 -1.00 6.03 -6.38
N ARG A 377 -0.79 4.88 -7.02
CA ARG A 377 -1.70 4.42 -8.07
C ARG A 377 -3.09 4.10 -7.54
N THR A 378 -3.17 3.37 -6.43
CA THR A 378 -4.47 2.92 -5.96
C THR A 378 -5.27 4.04 -5.29
N ALA A 379 -4.59 5.01 -4.66
CA ALA A 379 -5.32 6.13 -4.07
C ALA A 379 -5.82 7.08 -5.15
N HIS A 380 -5.03 7.29 -6.20
CA HIS A 380 -5.51 8.03 -7.36
C HIS A 380 -6.65 7.29 -8.03
N SER A 381 -6.42 6.02 -8.37
CA SER A 381 -7.41 5.10 -8.92
C SER A 381 -7.91 5.58 -10.29
N SER A 382 -6.98 5.53 -11.24
CA SER A 382 -7.32 5.75 -12.64
C SER A 382 -8.01 4.52 -13.20
N TRP A 383 -9.03 4.74 -14.03
CA TRP A 383 -9.70 3.66 -14.74
C TRP A 383 -9.21 3.49 -16.16
N CYS A 384 -8.17 4.22 -16.59
CA CYS A 384 -7.72 4.14 -17.97
C CYS A 384 -6.21 4.30 -18.09
N ASP A 385 -5.47 3.94 -17.04
CA ASP A 385 -4.01 3.87 -17.11
C ASP A 385 -3.38 5.23 -17.45
N SER A 386 -3.81 6.26 -16.72
CA SER A 386 -3.23 7.57 -16.87
C SER A 386 -3.13 8.25 -15.51
N GLN A 387 -1.97 8.85 -15.23
CA GLN A 387 -1.82 9.66 -14.04
C GLN A 387 -2.74 10.86 -14.04
N LYS A 388 -3.20 11.30 -15.21
CA LYS A 388 -3.97 12.53 -15.37
C LYS A 388 -5.47 12.31 -15.39
N VAL A 389 -5.93 11.06 -15.36
CA VAL A 389 -7.35 10.75 -15.40
C VAL A 389 -7.67 9.80 -14.25
N PRO A 390 -8.48 10.21 -13.27
CA PRO A 390 -9.11 11.53 -13.11
C PRO A 390 -8.09 12.60 -12.71
N GLU A 391 -8.46 13.87 -12.79
CA GLU A 391 -7.54 14.94 -12.43
C GLU A 391 -7.45 15.16 -10.92
N TYR A 392 -8.25 14.45 -10.13
CA TYR A 392 -8.12 14.42 -8.68
C TYR A 392 -8.18 12.99 -8.19
N HIS A 393 -7.56 12.74 -7.04
CA HIS A 393 -7.57 11.40 -6.46
C HIS A 393 -8.98 11.01 -6.06
N ARG A 394 -9.38 9.80 -6.43
CA ARG A 394 -10.67 9.29 -5.99
C ARG A 394 -10.66 8.93 -4.50
N HIS A 395 -9.48 8.70 -3.91
CA HIS A 395 -9.38 8.26 -2.52
C HIS A 395 -8.38 9.12 -1.74
N VAL A 396 -8.55 9.14 -0.43
CA VAL A 396 -7.69 9.89 0.48
C VAL A 396 -6.79 8.90 1.20
N LEU A 397 -5.48 8.98 0.92
CA LEU A 397 -4.49 8.08 1.49
C LEU A 397 -4.10 8.55 2.90
N TYR A 398 -5.06 8.44 3.82
CA TYR A 398 -4.89 8.95 5.16
C TYR A 398 -3.56 8.50 5.77
N GLY A 399 -2.82 9.45 6.32
CA GLY A 399 -1.64 9.16 7.12
C GLY A 399 -0.34 9.10 6.35
N ALA A 400 -0.38 9.16 5.02
CA ALA A 400 0.83 9.02 4.23
C ALA A 400 1.72 10.25 4.41
N LEU A 401 2.94 10.03 4.87
CA LEU A 401 3.97 11.07 4.92
C LEU A 401 4.64 11.15 3.55
N VAL A 402 4.56 12.31 2.90
CA VAL A 402 5.11 12.45 1.56
C VAL A 402 6.61 12.73 1.64
N GLY A 403 7.27 12.79 0.47
CA GLY A 403 8.69 13.04 0.44
C GLY A 403 9.09 14.35 1.08
N GLY A 404 8.41 15.44 0.70
CA GLY A 404 8.54 16.70 1.40
C GLY A 404 9.13 17.82 0.56
N PRO A 405 9.40 18.95 1.20
CA PRO A 405 9.88 20.12 0.47
C PRO A 405 11.39 20.14 0.27
N ASP A 406 11.90 21.14 -0.45
CA ASP A 406 13.33 21.25 -0.70
C ASP A 406 13.99 22.03 0.44
N ALA A 407 15.28 22.35 0.28
CA ALA A 407 16.03 23.01 1.34
C ALA A 407 15.53 24.42 1.63
N SER A 408 14.71 24.99 0.75
CA SER A 408 14.10 26.30 0.97
C SER A 408 12.63 26.19 1.38
N ASP A 409 12.20 25.02 1.84
CA ASP A 409 10.81 24.76 2.24
C ASP A 409 9.84 24.84 1.08
N ALA A 410 10.33 24.86 -0.16
CA ALA A 410 9.45 24.90 -1.32
C ALA A 410 8.92 23.51 -1.66
N TYR A 411 7.68 23.47 -2.13
CA TYR A 411 7.01 22.19 -2.37
C TYR A 411 5.89 22.42 -3.36
N VAL A 412 5.64 21.42 -4.20
CA VAL A 412 4.55 21.45 -5.17
C VAL A 412 3.82 20.13 -5.11
N ASP A 413 2.49 20.21 -5.00
CA ASP A 413 1.63 19.03 -4.82
C ASP A 413 1.16 18.57 -6.19
N ASP A 414 1.92 17.64 -6.78
CA ASP A 414 1.63 17.15 -8.13
C ASP A 414 1.84 15.65 -8.15
N ILE A 415 0.88 14.94 -8.77
CA ILE A 415 0.93 13.48 -8.78
C ILE A 415 2.18 12.98 -9.50
N GLY A 416 2.67 13.74 -10.47
CA GLY A 416 3.83 13.30 -11.24
C GLY A 416 5.16 13.47 -10.56
N ASN A 417 5.22 14.21 -9.45
CA ASN A 417 6.48 14.44 -8.74
C ASN A 417 6.73 13.25 -7.82
N TYR A 418 7.42 12.25 -8.35
CA TYR A 418 7.74 11.05 -7.60
C TYR A 418 8.86 11.26 -6.59
N VAL A 419 9.23 12.51 -6.34
CA VAL A 419 10.18 12.85 -5.28
C VAL A 419 9.48 13.58 -4.14
N THR A 420 8.88 14.75 -4.42
CA THR A 420 8.21 15.51 -3.39
C THR A 420 6.96 14.82 -2.88
N ASN A 421 6.25 14.09 -3.75
CA ASN A 421 4.98 13.47 -3.40
C ASN A 421 5.06 11.95 -3.37
N GLU A 422 6.28 11.40 -3.33
CA GLU A 422 6.43 9.98 -3.09
C GLU A 422 5.90 9.63 -1.71
N VAL A 423 5.31 8.44 -1.61
CA VAL A 423 4.88 7.84 -0.36
C VAL A 423 5.39 6.41 -0.35
N ALA A 424 5.66 5.88 0.84
CA ALA A 424 6.22 4.54 0.90
C ALA A 424 6.16 4.00 2.32
N CYS A 425 6.27 2.66 2.42
CA CYS A 425 6.25 1.97 3.71
C CYS A 425 7.31 2.54 4.65
N ASP A 426 8.54 2.67 4.16
CA ASP A 426 9.62 3.13 5.03
C ASP A 426 9.48 4.60 5.41
N TYR A 427 8.73 5.39 4.62
CA TYR A 427 8.53 6.79 4.98
C TYR A 427 7.75 6.91 6.29
N ASN A 428 6.74 6.07 6.49
CA ASN A 428 5.88 6.14 7.66
C ASN A 428 6.41 5.35 8.85
N ALA A 429 7.42 4.51 8.65
CA ALA A 429 7.84 3.55 9.66
C ALA A 429 8.33 4.23 10.94
N GLY A 430 9.46 4.94 10.86
CA GLY A 430 9.91 5.69 12.02
C GLY A 430 8.94 6.78 12.43
N PHE A 431 8.19 7.32 11.47
CA PHE A 431 7.18 8.34 11.78
C PHE A 431 6.19 7.84 12.82
N VAL A 432 5.77 6.58 12.71
CA VAL A 432 4.80 6.03 13.65
C VAL A 432 5.35 6.07 15.06
N GLY A 433 6.60 5.65 15.24
CA GLY A 433 7.21 5.69 16.57
C GLY A 433 7.37 7.09 17.11
N LEU A 434 7.68 8.04 16.23
CA LEU A 434 7.77 9.44 16.65
C LEU A 434 6.43 9.94 17.17
N LEU A 435 5.36 9.69 16.42
CA LEU A 435 4.04 10.16 16.85
C LEU A 435 3.58 9.46 18.12
N ALA A 436 4.03 8.22 18.33
CA ALA A 436 3.71 7.52 19.57
C ALA A 436 4.27 8.27 20.77
N LYS A 437 5.54 8.68 20.69
CA LYS A 437 6.13 9.43 21.79
C LYS A 437 5.48 10.80 21.95
N MET A 438 5.18 11.48 20.85
CA MET A 438 4.53 12.78 20.96
C MET A 438 3.15 12.65 21.57
N TYR A 439 2.43 11.58 21.24
CA TYR A 439 1.14 11.33 21.88
C TYR A 439 1.32 11.03 23.37
N GLU A 440 2.33 10.22 23.70
CA GLU A 440 2.57 9.90 25.10
C GLU A 440 2.85 11.15 25.91
N LYS A 441 3.52 12.14 25.32
CA LYS A 441 3.97 13.31 26.06
C LYS A 441 2.97 14.46 25.99
N TYR A 442 2.31 14.66 24.86
CA TYR A 442 1.47 15.83 24.65
C TYR A 442 0.00 15.52 24.39
N GLY A 443 -0.34 14.28 24.05
CA GLY A 443 -1.75 13.93 23.90
C GLY A 443 -2.30 14.36 22.54
N GLY A 444 -3.61 14.56 22.51
CA GLY A 444 -4.31 14.77 21.26
C GLY A 444 -5.24 13.60 21.00
N ASN A 445 -6.54 13.84 20.99
CA ASN A 445 -7.48 12.73 20.93
C ASN A 445 -7.57 12.20 19.51
N PRO A 446 -7.42 10.89 19.31
CA PRO A 446 -7.74 10.31 18.00
C PRO A 446 -9.22 10.45 17.71
N ILE A 447 -9.56 10.30 16.44
CA ILE A 447 -10.95 10.38 16.00
C ILE A 447 -11.65 9.09 16.42
N PRO A 448 -12.70 9.16 17.25
CA PRO A 448 -13.31 7.92 17.74
C PRO A 448 -13.86 7.06 16.60
N ASN A 449 -13.48 5.79 16.59
N ASN A 449 -13.49 5.78 16.61
CA ASN A 449 -13.96 4.83 15.60
CA ASN A 449 -13.94 4.82 15.61
C ASN A 449 -13.74 5.34 14.19
C ASN A 449 -13.74 5.35 14.19
N PHE A 450 -12.58 5.96 13.96
CA PHE A 450 -12.28 6.51 12.64
C PHE A 450 -12.31 5.42 11.60
N MET A 451 -13.00 5.69 10.50
CA MET A 451 -13.13 4.76 9.39
C MET A 451 -12.99 5.54 8.10
N ALA A 452 -12.29 4.95 7.14
CA ALA A 452 -12.09 5.58 5.82
C ALA A 452 -13.11 5.07 4.82
N ILE A 453 -14.38 5.31 5.14
CA ILE A 453 -15.51 4.94 4.28
C ILE A 453 -15.85 6.17 3.45
N GLU A 454 -15.52 6.13 2.17
CA GLU A 454 -15.67 7.28 1.29
C GLU A 454 -16.98 7.23 0.52
N GLU A 455 -17.45 8.42 0.14
CA GLU A 455 -18.57 8.54 -0.78
C GLU A 455 -18.12 8.21 -2.19
N LYS A 456 -18.92 7.43 -2.90
CA LYS A 456 -18.61 7.05 -4.27
C LYS A 456 -18.93 8.21 -5.20
N THR A 457 -17.90 8.75 -5.86
CA THR A 457 -18.02 9.99 -6.61
C THR A 457 -18.23 9.78 -8.10
N ASN A 458 -18.25 8.54 -8.57
CA ASN A 458 -18.64 8.24 -9.94
C ASN A 458 -19.37 6.91 -9.97
N GLU A 459 -20.26 6.74 -10.95
CA GLU A 459 -20.94 5.47 -11.13
C GLU A 459 -19.93 4.39 -11.52
N GLU A 460 -19.94 3.27 -10.80
CA GLU A 460 -18.89 2.27 -10.98
C GLU A 460 -19.14 1.38 -12.20
N ILE A 461 -20.35 0.82 -12.30
CA ILE A 461 -20.65 -0.18 -13.33
C ILE A 461 -22.00 0.16 -13.93
N TYR A 462 -22.04 0.33 -15.25
CA TYR A 462 -23.24 0.84 -15.91
C TYR A 462 -23.09 0.66 -17.41
N VAL A 463 -24.21 0.80 -18.10
CA VAL A 463 -24.27 0.69 -19.56
C VAL A 463 -24.46 2.07 -20.14
N GLU A 464 -23.67 2.38 -21.18
CA GLU A 464 -23.90 3.50 -22.08
C GLU A 464 -24.40 2.92 -23.40
N ALA A 465 -25.38 3.58 -24.02
CA ALA A 465 -25.97 2.95 -25.20
C ALA A 465 -26.61 3.98 -26.13
N THR A 466 -26.65 3.63 -27.40
CA THR A 466 -27.49 4.29 -28.39
C THR A 466 -28.31 3.22 -29.08
N ALA A 467 -29.39 3.63 -29.74
CA ALA A 467 -30.26 2.71 -30.44
C ALA A 467 -30.83 3.40 -31.67
N ASN A 468 -31.15 2.61 -32.68
CA ASN A 468 -31.93 3.12 -33.81
C ASN A 468 -32.95 2.07 -34.25
N SER A 469 -34.11 2.56 -34.66
CA SER A 469 -35.20 1.69 -35.09
C SER A 469 -34.94 1.21 -36.51
N ASN A 470 -35.12 -0.10 -36.74
CA ASN A 470 -34.82 -0.70 -38.04
C ASN A 470 -35.50 -2.07 -38.09
N ASN A 471 -36.77 -2.07 -38.50
CA ASN A 471 -37.58 -3.30 -38.52
C ASN A 471 -37.30 -4.13 -37.26
N GLY A 472 -37.37 -3.45 -36.13
CA GLY A 472 -36.81 -3.96 -34.89
C GLY A 472 -35.92 -2.89 -34.29
N VAL A 473 -34.85 -3.30 -33.62
CA VAL A 473 -33.95 -2.35 -32.99
C VAL A 473 -32.52 -2.88 -33.08
N GLU A 474 -31.57 -1.95 -33.20
CA GLU A 474 -30.16 -2.28 -33.16
C GLU A 474 -29.49 -1.39 -32.13
N LEU A 475 -28.76 -2.01 -31.20
CA LEU A 475 -28.19 -1.32 -30.06
C LEU A 475 -26.68 -1.32 -30.17
N LYS A 476 -26.07 -0.21 -29.77
CA LYS A 476 -24.62 -0.07 -29.64
C LYS A 476 -24.36 0.31 -28.18
N THR A 477 -23.80 -0.62 -27.40
CA THR A 477 -23.66 -0.46 -25.97
C THR A 477 -22.19 -0.55 -25.54
N TYR A 478 -21.90 0.14 -24.44
CA TYR A 478 -20.61 0.01 -23.76
C TYR A 478 -20.90 -0.28 -22.29
N LEU A 479 -20.42 -1.42 -21.81
CA LEU A 479 -20.58 -1.82 -20.42
C LEU A 479 -19.31 -1.40 -19.69
N TYR A 480 -19.44 -0.43 -18.79
CA TYR A 480 -18.30 0.15 -18.10
C TYR A 480 -18.06 -0.51 -16.75
N ASN A 481 -16.78 -0.63 -16.38
CA ASN A 481 -16.36 -0.94 -15.02
C ASN A 481 -15.34 0.12 -14.62
N LYS A 482 -15.83 1.23 -14.08
CA LYS A 482 -15.00 2.26 -13.44
C LYS A 482 -15.03 2.12 -11.93
N SER A 483 -15.09 0.88 -11.44
CA SER A 483 -15.17 0.65 -10.01
C SER A 483 -14.01 1.33 -9.29
N GLY A 484 -14.27 1.73 -8.04
CA GLY A 484 -13.27 2.42 -7.26
C GLY A 484 -13.34 2.10 -5.77
N TRP A 485 -14.48 1.64 -5.27
CA TRP A 485 -14.71 1.47 -3.83
C TRP A 485 -15.15 0.05 -3.53
N PRO A 486 -14.28 -0.95 -3.76
CA PRO A 486 -12.93 -0.81 -4.30
C PRO A 486 -12.89 -1.03 -5.80
N ALA A 487 -11.79 -0.70 -6.45
CA ALA A 487 -11.58 -1.18 -7.81
C ALA A 487 -11.62 -2.69 -7.79
N ARG A 488 -12.21 -3.28 -8.82
CA ARG A 488 -12.30 -4.73 -8.84
C ARG A 488 -12.45 -5.21 -10.28
N VAL A 489 -12.01 -6.43 -10.52
CA VAL A 489 -12.17 -7.08 -11.81
C VAL A 489 -13.48 -7.86 -11.79
N CYS A 490 -14.29 -7.70 -12.84
CA CYS A 490 -15.55 -8.41 -12.99
C CYS A 490 -15.49 -9.24 -14.26
N ASP A 491 -15.85 -10.51 -14.15
CA ASP A 491 -15.89 -11.39 -15.32
C ASP A 491 -17.20 -12.17 -15.39
N LYS A 492 -18.24 -11.73 -14.68
CA LYS A 492 -19.54 -12.37 -14.71
C LYS A 492 -20.64 -11.33 -14.91
N LEU A 493 -20.39 -10.35 -15.77
CA LEU A 493 -21.32 -9.24 -15.94
C LEU A 493 -22.29 -9.49 -17.08
N SER A 494 -23.56 -9.15 -16.84
CA SER A 494 -24.59 -9.17 -17.88
C SER A 494 -25.49 -7.95 -17.66
N PHE A 495 -26.29 -7.64 -18.67
CA PHE A 495 -27.32 -6.62 -18.53
C PHE A 495 -28.55 -7.04 -19.31
N ARG A 496 -29.67 -6.38 -19.01
CA ARG A 496 -30.97 -6.73 -19.56
C ARG A 496 -31.51 -5.56 -20.39
N TYR A 497 -32.18 -5.89 -21.49
CA TYR A 497 -32.86 -4.94 -22.36
C TYR A 497 -34.35 -5.26 -22.34
N PHE A 498 -35.15 -4.32 -21.83
CA PHE A 498 -36.57 -4.54 -21.59
C PHE A 498 -37.42 -4.02 -22.74
N MET A 499 -38.42 -4.83 -23.13
CA MET A 499 -39.32 -4.49 -24.21
C MET A 499 -40.76 -4.75 -23.80
N ASP A 500 -41.67 -3.96 -24.35
CA ASP A 500 -43.11 -4.20 -24.22
C ASP A 500 -43.57 -4.81 -25.54
N LEU A 501 -43.89 -6.11 -25.51
CA LEU A 501 -44.25 -6.84 -26.72
C LEU A 501 -45.77 -6.96 -26.90
N THR A 502 -46.54 -6.11 -26.23
CA THR A 502 -47.99 -6.15 -26.37
C THR A 502 -48.41 -6.13 -27.84
N GLU A 503 -47.90 -5.15 -28.60
CA GLU A 503 -48.28 -5.05 -30.00
C GLU A 503 -47.91 -6.30 -30.77
N TYR A 504 -46.87 -7.01 -30.32
CA TYR A 504 -46.36 -8.18 -31.02
C TYR A 504 -47.17 -9.43 -30.71
N VAL A 505 -47.39 -9.73 -29.43
CA VAL A 505 -48.11 -10.94 -29.06
C VAL A 505 -49.60 -10.77 -29.32
N SER A 506 -50.13 -9.56 -29.13
CA SER A 506 -51.52 -9.30 -29.47
C SER A 506 -51.80 -9.55 -30.95
N ALA A 507 -50.78 -9.47 -31.80
CA ALA A 507 -50.93 -9.75 -33.23
C ALA A 507 -50.68 -11.22 -33.57
N GLY A 508 -50.48 -12.07 -32.58
CA GLY A 508 -50.41 -13.50 -32.81
C GLY A 508 -49.04 -14.06 -33.05
N TYR A 509 -47.97 -13.35 -32.71
CA TYR A 509 -46.62 -13.83 -32.95
C TYR A 509 -45.99 -14.35 -31.65
N ASN A 510 -45.13 -15.36 -31.81
CA ASN A 510 -44.44 -16.00 -30.69
C ASN A 510 -43.17 -15.22 -30.36
N PRO A 511 -42.96 -14.80 -29.11
CA PRO A 511 -41.69 -14.12 -28.78
C PRO A 511 -40.46 -14.93 -29.11
N ASN A 512 -40.55 -16.26 -29.18
N ASN A 512 -40.57 -16.26 -29.19
CA ASN A 512 -39.38 -17.08 -29.45
CA ASN A 512 -39.41 -17.10 -29.46
C ASN A 512 -39.00 -17.10 -30.93
C ASN A 512 -38.95 -17.01 -30.90
N ASP A 513 -39.79 -16.48 -31.79
CA ASP A 513 -39.43 -16.31 -33.19
C ASP A 513 -38.72 -14.99 -33.45
N ILE A 514 -38.54 -14.17 -32.42
CA ILE A 514 -37.80 -12.92 -32.59
C ILE A 514 -36.32 -13.22 -32.76
N THR A 515 -35.70 -12.60 -33.76
CA THR A 515 -34.28 -12.78 -33.99
C THR A 515 -33.49 -11.94 -33.00
N VAL A 516 -32.54 -12.57 -32.32
CA VAL A 516 -31.61 -11.89 -31.43
C VAL A 516 -30.20 -12.30 -31.84
N SER A 517 -29.32 -11.31 -32.03
CA SER A 517 -28.01 -11.59 -32.59
C SER A 517 -26.98 -10.57 -32.10
N ILE A 518 -25.81 -11.06 -31.76
CA ILE A 518 -24.66 -10.20 -31.48
C ILE A 518 -24.03 -9.81 -32.83
N ILE A 519 -24.01 -8.51 -33.11
CA ILE A 519 -23.35 -8.02 -34.32
C ILE A 519 -21.84 -8.03 -34.15
N TYR A 520 -21.38 -7.41 -33.06
CA TYR A 520 -19.97 -7.39 -32.70
C TYR A 520 -19.90 -7.20 -31.20
N SER A 521 -18.86 -7.74 -30.59
CA SER A 521 -18.58 -7.46 -29.19
C SER A 521 -17.09 -7.57 -28.95
N ALA A 522 -16.54 -6.62 -28.19
CA ALA A 522 -15.18 -6.75 -27.70
C ALA A 522 -15.05 -7.88 -26.68
N ALA A 523 -16.17 -8.38 -26.15
CA ALA A 523 -16.15 -9.55 -25.28
C ALA A 523 -16.37 -10.79 -26.13
N PRO A 524 -15.36 -11.65 -26.31
CA PRO A 524 -15.55 -12.82 -27.18
C PRO A 524 -16.62 -13.78 -26.72
N THR A 525 -17.01 -13.72 -25.44
CA THR A 525 -18.00 -14.61 -24.89
C THR A 525 -19.43 -14.06 -25.00
N ALA A 526 -19.58 -12.86 -25.55
CA ALA A 526 -20.88 -12.19 -25.56
C ALA A 526 -21.95 -13.08 -26.17
N LYS A 527 -23.10 -13.15 -25.50
CA LYS A 527 -24.27 -13.87 -26.01
C LYS A 527 -25.51 -13.07 -25.65
N ILE A 528 -26.60 -13.34 -26.37
CA ILE A 528 -27.87 -12.65 -26.14
C ILE A 528 -28.97 -13.70 -26.12
N SER A 529 -29.83 -13.64 -25.10
CA SER A 529 -30.90 -14.60 -24.95
C SER A 529 -32.10 -14.24 -25.84
N LYS A 530 -32.94 -15.22 -26.08
CA LYS A 530 -34.27 -14.95 -26.58
C LYS A 530 -35.04 -14.12 -25.54
N PRO A 531 -36.15 -13.51 -25.93
CA PRO A 531 -36.97 -12.78 -24.96
C PRO A 531 -37.39 -13.66 -23.80
N ILE A 532 -37.24 -13.12 -22.60
CA ILE A 532 -37.61 -13.81 -21.37
C ILE A 532 -38.78 -13.05 -20.75
N LEU A 533 -39.83 -13.78 -20.38
CA LEU A 533 -41.02 -13.16 -19.81
C LEU A 533 -40.70 -12.51 -18.47
N TYR A 534 -41.06 -11.24 -18.34
CA TYR A 534 -40.84 -10.47 -17.12
C TYR A 534 -42.12 -10.06 -16.41
N ASP A 535 -43.20 -9.81 -17.16
CA ASP A 535 -44.48 -9.39 -16.57
C ASP A 535 -45.58 -9.94 -17.47
N ALA A 536 -46.24 -11.00 -17.01
CA ALA A 536 -47.28 -11.63 -17.82
C ALA A 536 -48.52 -10.76 -17.97
N SER A 537 -48.72 -9.78 -17.09
CA SER A 537 -49.89 -8.92 -17.19
C SER A 537 -49.74 -7.86 -18.26
N LYS A 538 -48.52 -7.36 -18.46
CA LYS A 538 -48.25 -6.28 -19.39
C LYS A 538 -47.42 -6.72 -20.58
N ASN A 539 -47.13 -8.01 -20.70
CA ASN A 539 -46.35 -8.55 -21.82
C ASN A 539 -44.97 -7.90 -21.91
N ILE A 540 -44.34 -7.72 -20.76
CA ILE A 540 -42.99 -7.18 -20.70
C ILE A 540 -42.01 -8.35 -20.77
N TYR A 541 -41.05 -8.25 -21.68
CA TYR A 541 -39.98 -9.23 -21.84
C TYR A 541 -38.65 -8.49 -21.76
N TYR A 542 -37.59 -9.26 -21.53
CA TYR A 542 -36.24 -8.72 -21.65
C TYR A 542 -35.34 -9.73 -22.35
N CYS A 543 -34.31 -9.21 -22.99
CA CYS A 543 -33.20 -10.00 -23.51
C CYS A 543 -32.01 -9.80 -22.59
N GLU A 544 -31.36 -10.90 -22.22
CA GLU A 544 -30.16 -10.85 -21.38
C GLU A 544 -28.93 -10.87 -22.28
N ILE A 545 -28.11 -9.82 -22.19
CA ILE A 545 -26.82 -9.78 -22.86
C ILE A 545 -25.77 -10.13 -21.82
N ASP A 546 -25.18 -11.31 -21.95
CA ASP A 546 -24.26 -11.87 -20.98
C ASP A 546 -22.84 -11.74 -21.51
N LEU A 547 -21.99 -11.03 -20.78
CA LEU A 547 -20.57 -10.94 -21.10
C LEU A 547 -19.71 -11.77 -20.16
N SER A 548 -20.32 -12.64 -19.35
CA SER A 548 -19.54 -13.51 -18.47
C SER A 548 -18.45 -14.21 -19.27
N GLY A 549 -17.29 -14.37 -18.65
CA GLY A 549 -16.13 -14.94 -19.29
C GLY A 549 -15.11 -13.91 -19.71
N THR A 550 -15.50 -12.64 -19.80
CA THR A 550 -14.62 -11.55 -20.22
C THR A 550 -14.37 -10.62 -19.04
N LYS A 551 -13.10 -10.33 -18.79
CA LYS A 551 -12.74 -9.40 -17.73
C LYS A 551 -13.03 -7.97 -18.15
N ILE A 552 -13.70 -7.22 -17.29
CA ILE A 552 -13.88 -5.78 -17.45
C ILE A 552 -13.46 -5.14 -16.14
N PHE A 553 -12.55 -4.19 -16.20
CA PHE A 553 -11.94 -3.67 -14.99
C PHE A 553 -11.28 -2.34 -15.29
N PRO A 554 -11.08 -1.50 -14.27
CA PRO A 554 -10.43 -0.20 -14.50
C PRO A 554 -8.92 -0.31 -14.65
N GLY A 555 -8.45 -0.52 -15.87
CA GLY A 555 -7.03 -0.64 -16.15
C GLY A 555 -6.67 -0.06 -17.51
N SER A 556 -5.64 -0.63 -18.14
CA SER A 556 -5.20 -0.17 -19.44
C SER A 556 -5.88 -0.99 -20.54
N ASN A 557 -5.35 -0.91 -21.76
CA ASN A 557 -5.76 -1.74 -22.90
C ASN A 557 -7.25 -1.61 -23.23
N SER A 558 -7.92 -0.56 -22.74
CA SER A 558 -9.35 -0.39 -23.00
C SER A 558 -10.17 -1.48 -22.30
N ASP A 559 -9.75 -1.88 -21.11
CA ASP A 559 -10.40 -2.94 -20.38
C ASP A 559 -11.49 -2.46 -19.44
N HIS A 560 -11.60 -1.14 -19.23
CA HIS A 560 -12.63 -0.60 -18.36
C HIS A 560 -13.99 -0.48 -19.05
N GLN A 561 -14.08 -0.86 -20.32
CA GLN A 561 -15.36 -0.91 -21.02
C GLN A 561 -15.30 -1.97 -22.11
N LYS A 562 -16.44 -2.60 -22.39
CA LYS A 562 -16.55 -3.58 -23.46
C LYS A 562 -17.75 -3.22 -24.34
N GLU A 563 -17.49 -3.03 -25.62
CA GLU A 563 -18.54 -2.68 -26.56
C GLU A 563 -19.28 -3.94 -27.01
N THR A 564 -20.60 -3.86 -27.05
CA THR A 564 -21.42 -4.90 -27.63
C THR A 564 -22.48 -4.28 -28.52
N GLN A 565 -22.50 -4.70 -29.79
CA GLN A 565 -23.54 -4.32 -30.74
C GLN A 565 -24.44 -5.54 -30.96
N PHE A 566 -25.75 -5.34 -30.82
CA PHE A 566 -26.69 -6.44 -31.03
C PHE A 566 -27.97 -5.91 -31.65
N ARG A 567 -28.75 -6.84 -32.21
CA ARG A 567 -30.00 -6.49 -32.86
C ARG A 567 -31.10 -7.44 -32.38
N ILE A 568 -32.30 -6.89 -32.25
CA ILE A 568 -33.50 -7.63 -31.87
C ILE A 568 -34.54 -7.28 -32.93
N GLN A 569 -34.92 -8.27 -33.74
CA GLN A 569 -35.77 -8.01 -34.88
C GLN A 569 -36.87 -9.06 -34.97
N PRO A 570 -38.13 -8.66 -35.07
CA PRO A 570 -39.23 -9.63 -35.15
C PRO A 570 -39.25 -10.27 -36.53
N PRO A 571 -40.00 -11.36 -36.69
CA PRO A 571 -40.15 -11.94 -38.03
C PRO A 571 -40.79 -10.93 -38.98
N ALA A 572 -40.38 -11.00 -40.24
CA ALA A 572 -40.81 -10.03 -41.23
C ALA A 572 -42.32 -9.90 -41.25
N GLY A 573 -42.81 -8.67 -41.15
CA GLY A 573 -44.22 -8.37 -41.21
C GLY A 573 -44.91 -8.26 -39.87
N ALA A 574 -44.23 -8.62 -38.78
CA ALA A 574 -44.86 -8.52 -37.47
C ALA A 574 -44.80 -7.09 -36.95
N PRO A 575 -45.82 -6.62 -36.24
CA PRO A 575 -45.77 -5.27 -35.70
C PRO A 575 -44.63 -5.11 -34.70
N TRP A 576 -44.10 -3.90 -34.62
CA TRP A 576 -43.01 -3.62 -33.71
C TRP A 576 -43.01 -2.14 -33.36
N ASP A 577 -42.95 -1.85 -32.06
CA ASP A 577 -43.00 -0.48 -31.56
C ASP A 577 -41.92 -0.35 -30.49
N ASN A 578 -40.79 0.25 -30.87
CA ASN A 578 -39.74 0.51 -29.88
C ASN A 578 -40.15 1.56 -28.86
N THR A 579 -41.13 2.41 -29.20
CA THR A 579 -41.39 3.60 -28.39
C THR A 579 -42.05 3.28 -27.06
N ASN A 580 -42.64 2.09 -26.91
CA ASN A 580 -43.17 1.67 -25.62
C ASN A 580 -42.26 0.70 -24.89
N ASP A 581 -41.00 0.58 -25.32
CA ASP A 581 -40.04 -0.35 -24.71
C ASP A 581 -39.22 0.39 -23.66
N PHE A 582 -39.25 -0.14 -22.44
CA PHE A 582 -38.62 0.50 -21.28
C PHE A 582 -37.17 0.87 -21.54
N SER A 583 -36.37 -0.08 -22.04
CA SER A 583 -34.95 0.20 -22.23
C SER A 583 -34.73 1.19 -23.37
N TYR A 584 -35.52 1.07 -24.44
CA TYR A 584 -35.43 2.05 -25.53
C TYR A 584 -35.75 3.44 -25.03
N GLN A 585 -36.79 3.58 -24.21
CA GLN A 585 -37.13 4.89 -23.66
C GLN A 585 -35.98 5.46 -22.85
N GLY A 586 -35.35 4.64 -22.02
CA GLY A 586 -34.24 5.12 -21.22
C GLY A 586 -33.08 5.60 -22.08
N ILE A 587 -32.73 4.82 -23.11
CA ILE A 587 -31.63 5.20 -23.99
C ILE A 587 -31.86 6.59 -24.57
N LYS A 588 -33.08 6.84 -25.07
CA LYS A 588 -33.37 8.14 -25.68
C LYS A 588 -33.45 9.25 -24.64
N LYS A 589 -33.72 8.91 -23.37
CA LYS A 589 -33.72 9.92 -22.32
C LYS A 589 -32.31 10.29 -21.90
N ASN A 590 -31.47 9.29 -21.63
CA ASN A 590 -30.06 9.54 -21.32
C ASN A 590 -29.27 8.30 -21.74
N GLY A 591 -28.60 8.40 -22.90
CA GLY A 591 -27.76 7.31 -23.35
C GLY A 591 -26.44 7.18 -22.61
N GLU A 592 -26.04 8.22 -21.87
CA GLU A 592 -24.76 8.18 -21.17
C GLU A 592 -24.76 7.13 -20.08
N VAL A 593 -25.77 7.15 -19.21
CA VAL A 593 -25.92 6.18 -18.13
C VAL A 593 -27.37 5.71 -18.19
N VAL A 594 -27.57 4.46 -18.60
CA VAL A 594 -28.91 3.93 -18.86
C VAL A 594 -29.27 3.03 -17.69
N LYS A 595 -29.93 3.60 -16.68
CA LYS A 595 -30.44 2.82 -15.57
C LYS A 595 -31.44 1.77 -16.04
N GLU A 596 -32.10 2.02 -17.17
CA GLU A 596 -33.13 1.11 -17.68
C GLU A 596 -32.55 -0.15 -18.31
N MET A 597 -31.23 -0.29 -18.36
CA MET A 597 -30.57 -1.52 -18.80
C MET A 597 -29.74 -2.02 -17.62
N PRO A 598 -30.38 -2.61 -16.62
CA PRO A 598 -29.68 -2.93 -15.38
C PRO A 598 -28.59 -3.97 -15.59
N VAL A 599 -27.55 -3.88 -14.76
CA VAL A 599 -26.37 -4.73 -14.86
C VAL A 599 -26.42 -5.76 -13.73
N TYR A 600 -26.05 -6.99 -14.05
CA TYR A 600 -26.02 -8.08 -13.09
C TYR A 600 -24.61 -8.68 -13.06
N GLU A 601 -24.16 -9.05 -11.87
CA GLU A 601 -22.87 -9.72 -11.69
C GLU A 601 -23.16 -11.12 -11.14
N ASP A 602 -22.88 -12.13 -11.96
CA ASP A 602 -23.19 -13.51 -11.59
C ASP A 602 -24.67 -13.66 -11.25
N GLY A 603 -25.51 -12.92 -11.97
CA GLY A 603 -26.94 -13.00 -11.81
C GLY A 603 -27.53 -12.14 -10.71
N VAL A 604 -26.72 -11.33 -10.04
CA VAL A 604 -27.17 -10.46 -8.96
C VAL A 604 -27.17 -9.03 -9.46
N LEU A 605 -28.32 -8.36 -9.33
CA LEU A 605 -28.42 -6.96 -9.72
C LEU A 605 -27.44 -6.11 -8.94
N ILE A 606 -26.66 -5.29 -9.65
CA ILE A 606 -25.72 -4.39 -8.99
C ILE A 606 -25.89 -2.96 -9.49
N PHE A 607 -26.65 -2.76 -10.56
CA PHE A 607 -26.96 -1.40 -10.99
C PHE A 607 -28.22 -1.38 -11.84
N GLY A 608 -29.03 -0.34 -11.64
CA GLY A 608 -30.19 -0.11 -12.46
C GLY A 608 -31.48 -0.50 -11.76
N VAL A 609 -32.59 -0.17 -12.44
CA VAL A 609 -33.92 -0.50 -11.94
C VAL A 609 -34.48 -1.68 -12.73
CA CA B . -42.77 -2.61 -28.04
CA CA C . 23.28 -2.11 4.92
#